data_8QT3
#
_entry.id   8QT3
#
_cell.length_a   38.357
_cell.length_b   74.466
_cell.length_c   56.211
_cell.angle_alpha   90.00
_cell.angle_beta   97.30
_cell.angle_gamma   90.00
#
_symmetry.space_group_name_H-M   'P 1 21 1'
#
loop_
_entity.id
_entity.type
_entity.pdbx_description
1 polymer 'NAD-dependent protein deacetylase sirtuin-2'
2 polymer 'Peptide-based super-slow substrate TNFn-5'
3 non-polymer 'ZINC ION'
4 non-polymer 1,2-ETHANEDIOL
5 non-polymer NICOTINAMIDE-ADENINE-DINUCLEOTIDE
6 non-polymer '(2S)-2-dodecylsulfanylpropanoic acid'
7 water water
#
loop_
_entity_poly.entity_id
_entity_poly.type
_entity_poly.pdbx_seq_one_letter_code
_entity_poly.pdbx_strand_id
1 'polypeptide(L)'
;GHMERLLDELTLEGVARYMQSERCRRVICLVGAGISTSAGIPDFRSPSTGLYDNLEKYHLPYPEAIFEISYFKKHPEPFF
ALAKELYPGQFKPTICHYFMRLLKDKGLLLRCYTQNIDTLERIAGLEQEDLVEAHGTFYTSHCVSASCRHEYPLSWMKEK
IFSEVTPKCEDCQSLVKPDIVFFGESLPARFFSCMQSDFLKVDLLLVMGTSLQVQPFASLISKAPLSTPRLLINKEKAGQ
SDPFLGMIMGLGGGMDFDSKKAYRDVAWLGECDQGCLALAELLGWKKELEDLVRREHASIDAQS
;
A
2 'polypeptide(L)' EALPKK(NIY)GG B
#
# COMPACT_ATOMS: atom_id res chain seq x y z
N GLU A 4 -14.67 14.62 24.41
CA GLU A 4 -15.42 15.24 23.32
C GLU A 4 -15.04 14.56 22.01
N ARG A 5 -15.99 13.86 21.40
CA ARG A 5 -15.68 13.07 20.22
C ARG A 5 -15.93 13.88 18.95
N LEU A 6 -15.10 13.64 17.95
CA LEU A 6 -15.09 14.49 16.77
C LEU A 6 -16.12 14.08 15.74
N LEU A 7 -16.45 12.79 15.65
CA LEU A 7 -17.48 12.35 14.71
C LEU A 7 -18.87 12.50 15.35
N ASP A 8 -19.82 13.06 14.59
CA ASP A 8 -21.17 13.18 15.11
C ASP A 8 -21.94 11.86 15.05
N GLU A 9 -21.40 10.87 14.35
CA GLU A 9 -21.95 9.53 14.31
C GLU A 9 -20.94 8.61 13.63
N LEU A 10 -20.96 7.34 14.04
CA LEU A 10 -19.95 6.38 13.62
C LEU A 10 -20.40 5.69 12.33
N THR A 11 -20.44 6.49 11.28
CA THR A 11 -20.88 6.07 9.95
C THR A 11 -20.07 6.81 8.90
N LEU A 12 -20.14 6.31 7.66
CA LEU A 12 -19.49 7.00 6.55
C LEU A 12 -20.01 8.43 6.43
N GLU A 13 -21.31 8.60 6.63
CA GLU A 13 -21.90 9.94 6.56
C GLU A 13 -21.32 10.85 7.62
N GLY A 14 -21.10 10.32 8.84
CA GLY A 14 -20.41 11.09 9.86
C GLY A 14 -18.99 11.45 9.49
N VAL A 15 -18.25 10.49 8.91
CA VAL A 15 -16.89 10.78 8.46
C VAL A 15 -16.89 11.87 7.40
N ALA A 16 -17.83 11.81 6.44
CA ALA A 16 -17.87 12.82 5.38
C ALA A 16 -18.17 14.21 5.95
N ARG A 17 -19.12 14.32 6.87
CA ARG A 17 -19.37 15.61 7.49
C ARG A 17 -18.13 16.12 8.21
N TYR A 18 -17.41 15.23 8.89
CA TYR A 18 -16.20 15.66 9.57
C TYR A 18 -15.15 16.13 8.57
N MET A 19 -15.01 15.42 7.44
CA MET A 19 -14.00 15.80 6.47
C MET A 19 -14.25 17.19 5.88
N GLN A 20 -15.50 17.61 5.81
CA GLN A 20 -15.79 18.93 5.25
C GLN A 20 -15.97 19.98 6.33
N SER A 21 -15.60 19.66 7.57
CA SER A 21 -15.51 20.63 8.64
C SER A 21 -14.12 21.23 8.69
N GLU A 22 -14.01 22.37 9.37
CA GLU A 22 -12.76 23.09 9.43
C GLU A 22 -11.68 22.30 10.15
N ARG A 23 -12.08 21.33 10.98
CA ARG A 23 -11.13 20.57 11.79
C ARG A 23 -10.33 19.57 10.97
N CYS A 24 -10.85 19.11 9.83
CA CYS A 24 -10.18 18.05 9.09
C CYS A 24 -9.29 18.66 8.02
N ARG A 25 -8.02 18.83 8.35
CA ARG A 25 -7.08 19.44 7.42
C ARG A 25 -5.99 18.49 6.95
N ARG A 26 -5.68 17.45 7.73
CA ARG A 26 -4.55 16.57 7.46
C ARG A 26 -5.02 15.13 7.55
N VAL A 27 -4.96 14.42 6.42
CA VAL A 27 -5.40 13.04 6.31
C VAL A 27 -4.18 12.16 6.04
N ILE A 28 -4.06 11.06 6.79
CA ILE A 28 -3.08 10.02 6.49
C ILE A 28 -3.81 8.79 5.99
N CYS A 29 -3.38 8.25 4.86
CA CYS A 29 -3.89 6.98 4.37
C CYS A 29 -2.90 5.86 4.72
N LEU A 30 -3.44 4.73 5.14
CA LEU A 30 -2.66 3.52 5.41
C LEU A 30 -3.25 2.45 4.50
N VAL A 31 -2.48 1.96 3.54
CA VAL A 31 -3.09 1.08 2.55
C VAL A 31 -2.29 -0.19 2.35
N GLY A 32 -2.99 -1.20 1.87
CA GLY A 32 -2.36 -2.48 1.58
C GLY A 32 -2.88 -3.11 0.31
N ALA A 33 -2.69 -4.43 0.23
CA ALA A 33 -2.85 -5.12 -1.05
C ALA A 33 -4.28 -5.08 -1.54
N GLY A 34 -5.25 -4.87 -0.65
CA GLY A 34 -6.64 -4.84 -1.08
C GLY A 34 -7.00 -3.69 -1.97
N ILE A 35 -6.16 -2.64 -2.01
CA ILE A 35 -6.47 -1.53 -2.92
C ILE A 35 -5.97 -1.80 -4.33
N SER A 36 -5.21 -2.89 -4.53
CA SER A 36 -4.72 -3.21 -5.87
C SER A 36 -5.27 -4.50 -6.45
N THR A 37 -6.09 -5.26 -5.72
CA THR A 37 -6.64 -6.48 -6.30
C THR A 37 -7.51 -6.18 -7.51
N SER A 38 -8.26 -5.07 -7.50
CA SER A 38 -9.07 -4.78 -8.67
C SER A 38 -8.22 -4.32 -9.85
N ALA A 39 -6.97 -3.97 -9.64
CA ALA A 39 -6.00 -3.69 -10.70
C ALA A 39 -5.28 -4.95 -11.16
N GLY A 40 -5.65 -6.11 -10.65
CA GLY A 40 -5.06 -7.37 -11.08
C GLY A 40 -3.82 -7.84 -10.33
N ILE A 41 -3.50 -7.24 -9.20
CA ILE A 41 -2.37 -7.69 -8.37
C ILE A 41 -2.95 -8.48 -7.20
N PRO A 42 -2.64 -9.75 -7.05
CA PRO A 42 -3.27 -10.55 -5.99
C PRO A 42 -2.76 -10.14 -4.61
N ASP A 43 -3.63 -10.28 -3.61
CA ASP A 43 -3.24 -10.06 -2.23
C ASP A 43 -2.80 -11.41 -1.63
N PHE A 44 -2.63 -11.44 -0.31
CA PHE A 44 -2.41 -12.70 0.40
C PHE A 44 -3.70 -13.32 0.91
N ARG A 45 -4.68 -12.51 1.29
CA ARG A 45 -5.86 -13.01 2.01
C ARG A 45 -6.82 -13.77 1.11
N SER A 46 -6.96 -13.35 -0.13
CA SER A 46 -7.88 -13.99 -1.06
C SER A 46 -7.64 -15.50 -1.11
N PRO A 47 -8.70 -16.31 -1.06
CA PRO A 47 -8.52 -17.76 -1.16
C PRO A 47 -8.04 -18.15 -2.54
N SER A 48 -7.02 -19.01 -2.57
CA SER A 48 -6.48 -19.60 -3.79
C SER A 48 -5.71 -18.60 -4.66
N THR A 49 -6.24 -17.38 -4.83
CA THR A 49 -5.55 -16.40 -5.65
C THR A 49 -4.52 -15.60 -4.86
N GLY A 50 -4.53 -15.69 -3.53
CA GLY A 50 -3.46 -15.09 -2.76
C GLY A 50 -2.10 -15.61 -3.18
N LEU A 51 -1.07 -14.79 -2.99
CA LEU A 51 0.26 -15.11 -3.49
C LEU A 51 0.89 -16.32 -2.83
N TYR A 52 0.48 -16.67 -1.60
CA TYR A 52 1.06 -17.83 -0.94
C TYR A 52 0.49 -19.15 -1.45
N ASP A 53 -0.54 -19.11 -2.29
CA ASP A 53 -1.09 -20.29 -2.93
C ASP A 53 -0.56 -20.38 -4.37
N ASN A 54 -0.53 -21.62 -4.89
CA ASN A 54 -0.04 -21.88 -6.25
C ASN A 54 1.48 -21.78 -6.33
N LEU A 55 2.17 -22.16 -5.25
CA LEU A 55 3.62 -22.09 -5.19
C LEU A 55 4.29 -23.46 -5.30
N GLU A 56 3.51 -24.55 -5.32
CA GLU A 56 4.04 -25.90 -5.35
C GLU A 56 5.18 -26.05 -6.36
N LYS A 57 5.02 -25.44 -7.53
CA LYS A 57 5.98 -25.61 -8.61
C LYS A 57 7.40 -25.17 -8.22
N TYR A 58 7.54 -24.39 -7.16
CA TYR A 58 8.83 -23.79 -6.84
C TYR A 58 9.66 -24.64 -5.89
N HIS A 59 9.03 -25.56 -5.14
CA HIS A 59 9.76 -26.53 -4.31
C HIS A 59 10.51 -25.84 -3.17
N LEU A 60 9.80 -25.00 -2.43
CA LEU A 60 10.32 -24.19 -1.33
C LEU A 60 10.35 -25.02 -0.04
N PRO A 61 11.24 -24.68 0.90
CA PRO A 61 11.19 -25.35 2.21
C PRO A 61 9.88 -25.12 2.92
N TYR A 62 9.34 -23.92 2.85
CA TYR A 62 7.98 -23.61 3.29
C TYR A 62 7.47 -22.47 2.44
N PRO A 63 6.15 -22.32 2.32
CA PRO A 63 5.59 -21.32 1.39
C PRO A 63 6.13 -19.92 1.60
N GLU A 64 6.30 -19.49 2.85
CA GLU A 64 6.69 -18.11 3.10
C GLU A 64 8.13 -17.82 2.68
N ALA A 65 8.93 -18.85 2.42
CA ALA A 65 10.33 -18.62 2.11
C ALA A 65 10.51 -17.76 0.86
N ILE A 66 9.53 -17.76 -0.04
CA ILE A 66 9.69 -17.05 -1.31
C ILE A 66 9.77 -15.55 -1.09
N PHE A 67 9.32 -15.05 0.06
CA PHE A 67 9.36 -13.63 0.36
C PHE A 67 10.22 -13.34 1.58
N GLU A 68 11.11 -14.27 1.96
CA GLU A 68 11.98 -14.10 3.10
C GLU A 68 13.40 -13.89 2.60
N ILE A 69 14.10 -12.94 3.20
CA ILE A 69 15.37 -12.47 2.65
C ILE A 69 16.45 -13.56 2.74
N SER A 70 16.47 -14.32 3.82
CA SER A 70 17.48 -15.37 3.93
C SER A 70 17.41 -16.31 2.75
N TYR A 71 16.21 -16.79 2.43
CA TYR A 71 16.04 -17.73 1.32
C TYR A 71 16.33 -17.07 -0.03
N PHE A 72 15.79 -15.86 -0.25
CA PHE A 72 16.06 -15.16 -1.50
C PHE A 72 17.55 -15.06 -1.78
N LYS A 73 18.34 -14.77 -0.74
CA LYS A 73 19.78 -14.60 -0.91
C LYS A 73 20.40 -15.85 -1.51
N LYS A 74 20.01 -17.01 -0.99
CA LYS A 74 20.59 -18.28 -1.47
C LYS A 74 19.95 -18.74 -2.77
N HIS A 75 18.68 -18.44 -2.99
CA HIS A 75 17.94 -18.95 -4.16
C HIS A 75 16.97 -17.88 -4.63
N PRO A 76 17.45 -16.92 -5.43
CA PRO A 76 16.56 -15.85 -5.92
C PRO A 76 15.64 -16.27 -7.06
N GLU A 77 15.89 -17.41 -7.69
CA GLU A 77 15.17 -17.76 -8.90
C GLU A 77 13.67 -17.97 -8.70
N PRO A 78 13.20 -18.64 -7.65
CA PRO A 78 11.74 -18.75 -7.46
C PRO A 78 11.04 -17.40 -7.43
N PHE A 79 11.58 -16.42 -6.70
CA PHE A 79 10.93 -15.11 -6.63
C PHE A 79 10.81 -14.49 -8.01
N PHE A 80 11.87 -14.53 -8.81
CA PHE A 80 11.82 -13.88 -10.12
C PHE A 80 10.89 -14.63 -11.06
N ALA A 81 10.74 -15.94 -10.85
CA ALA A 81 9.77 -16.70 -11.65
C ALA A 81 8.34 -16.31 -11.30
N LEU A 82 8.07 -16.14 -10.00
CA LEU A 82 6.76 -15.66 -9.58
C LEU A 82 6.51 -14.26 -10.10
N ALA A 83 7.51 -13.39 -10.01
CA ALA A 83 7.36 -12.03 -10.51
C ALA A 83 6.93 -12.03 -11.98
N LYS A 84 7.53 -12.88 -12.80
CA LYS A 84 7.15 -12.93 -14.20
C LYS A 84 5.68 -13.35 -14.35
N GLU A 85 5.25 -14.30 -13.52
CA GLU A 85 3.90 -14.82 -13.63
C GLU A 85 2.87 -13.77 -13.22
N LEU A 86 3.20 -12.94 -12.24
CA LEU A 86 2.28 -11.94 -11.70
C LEU A 86 2.36 -10.60 -12.43
N TYR A 87 3.39 -10.36 -13.23
CA TYR A 87 3.60 -9.05 -13.83
C TYR A 87 2.39 -8.64 -14.66
N PRO A 88 1.78 -7.47 -14.43
CA PRO A 88 0.54 -7.14 -15.13
C PRO A 88 0.79 -6.62 -16.54
N GLY A 89 -0.17 -6.90 -17.43
CA GLY A 89 -0.07 -6.40 -18.80
C GLY A 89 -0.09 -4.89 -18.86
N GLN A 90 -0.85 -4.26 -17.97
CA GLN A 90 -0.92 -2.81 -17.83
C GLN A 90 -0.95 -2.45 -16.35
N PHE A 91 -0.47 -1.26 -16.06
CA PHE A 91 -0.50 -0.70 -14.70
C PHE A 91 -1.56 0.41 -14.68
N LYS A 92 -2.79 0.05 -14.28
CA LYS A 92 -3.91 0.97 -14.21
C LYS A 92 -4.31 1.13 -12.76
N PRO A 93 -4.03 2.25 -12.12
CA PRO A 93 -4.47 2.43 -10.72
C PRO A 93 -6.00 2.36 -10.62
N THR A 94 -6.44 2.03 -9.41
CA THR A 94 -7.85 1.82 -9.15
C THR A 94 -8.56 3.12 -8.74
N ILE A 95 -9.89 3.04 -8.71
CA ILE A 95 -10.70 4.13 -8.17
C ILE A 95 -10.18 4.55 -6.81
N CYS A 96 -9.81 3.58 -5.96
CA CYS A 96 -9.27 3.89 -4.65
C CYS A 96 -7.97 4.71 -4.75
N HIS A 97 -7.07 4.30 -5.65
CA HIS A 97 -5.86 5.09 -5.87
C HIS A 97 -6.20 6.52 -6.28
N TYR A 98 -7.18 6.68 -7.18
CA TYR A 98 -7.50 8.02 -7.67
C TYR A 98 -8.25 8.82 -6.63
N PHE A 99 -8.93 8.16 -5.68
CA PHE A 99 -9.46 8.89 -4.54
C PHE A 99 -8.35 9.53 -3.73
N MET A 100 -7.23 8.83 -3.53
CA MET A 100 -6.10 9.45 -2.83
C MET A 100 -5.48 10.56 -3.66
N ARG A 101 -5.49 10.43 -5.00
CA ARG A 101 -5.06 11.55 -5.84
C ARG A 101 -5.92 12.79 -5.60
N LEU A 102 -7.23 12.61 -5.43
CA LEU A 102 -8.10 13.73 -5.12
C LEU A 102 -7.74 14.35 -3.77
N LEU A 103 -7.47 13.50 -2.77
CA LEU A 103 -7.06 14.05 -1.49
C LEU A 103 -5.82 14.92 -1.65
N LYS A 104 -4.88 14.46 -2.47
CA LYS A 104 -3.68 15.25 -2.75
C LYS A 104 -4.05 16.56 -3.43
N ASP A 105 -4.82 16.47 -4.52
CA ASP A 105 -5.16 17.65 -5.31
C ASP A 105 -5.84 18.70 -4.46
N LYS A 106 -6.57 18.27 -3.43
CA LYS A 106 -7.40 19.16 -2.62
C LYS A 106 -6.68 19.60 -1.35
N GLY A 107 -5.42 19.25 -1.20
CA GLY A 107 -4.62 19.74 -0.10
C GLY A 107 -4.84 19.03 1.21
N LEU A 108 -5.49 17.87 1.19
CA LEU A 108 -5.83 17.12 2.40
C LEU A 108 -4.85 16.02 2.74
N LEU A 109 -4.06 15.55 1.78
CA LEU A 109 -3.23 14.36 1.97
C LEU A 109 -1.92 14.77 2.61
N LEU A 110 -1.75 14.40 3.89
CA LEU A 110 -0.45 14.57 4.53
C LEU A 110 0.51 13.47 4.08
N ARG A 111 0.06 12.22 4.10
CA ARG A 111 0.93 11.12 3.70
C ARG A 111 0.09 9.90 3.36
N CYS A 112 0.55 9.14 2.38
CA CYS A 112 0.06 7.79 2.10
C CYS A 112 1.16 6.81 2.48
N TYR A 113 0.94 6.05 3.56
CA TYR A 113 1.81 4.93 3.94
C TYR A 113 1.27 3.69 3.24
N THR A 114 2.10 3.06 2.41
CA THR A 114 1.63 1.90 1.66
C THR A 114 2.54 0.71 1.92
N GLN A 115 1.92 -0.47 2.00
CA GLN A 115 2.62 -1.74 1.99
C GLN A 115 2.81 -2.27 0.60
N ASN A 116 2.23 -1.64 -0.42
CA ASN A 116 2.28 -2.19 -1.76
C ASN A 116 3.59 -1.83 -2.45
N ILE A 117 4.04 -2.72 -3.33
CA ILE A 117 5.28 -2.55 -4.09
C ILE A 117 4.98 -2.38 -5.57
N ASP A 118 3.70 -2.29 -5.94
CA ASP A 118 3.27 -2.39 -7.34
C ASP A 118 3.35 -1.08 -8.12
N THR A 119 3.75 0.03 -7.48
CA THR A 119 3.96 1.36 -8.08
C THR A 119 2.69 2.10 -8.44
N LEU A 120 1.50 1.57 -8.13
CA LEU A 120 0.28 2.19 -8.65
C LEU A 120 0.00 3.54 -7.99
N GLU A 121 0.45 3.77 -6.75
CA GLU A 121 0.31 5.10 -6.17
C GLU A 121 1.03 6.16 -7.01
N ARG A 122 2.25 5.84 -7.47
CA ARG A 122 3.01 6.81 -8.25
C ARG A 122 2.35 7.05 -9.60
N ILE A 123 1.85 5.99 -10.22
CA ILE A 123 1.18 6.12 -11.50
C ILE A 123 -0.07 6.98 -11.36
N ALA A 124 -0.76 6.86 -10.21
CA ALA A 124 -1.94 7.68 -9.97
C ALA A 124 -1.60 9.14 -9.71
N GLY A 125 -0.32 9.48 -9.58
CA GLY A 125 0.07 10.86 -9.41
C GLY A 125 0.46 11.27 -8.02
N LEU A 126 0.61 10.33 -7.09
CA LEU A 126 1.19 10.67 -5.80
C LEU A 126 2.69 10.81 -5.98
N GLU A 127 3.25 11.88 -5.42
CA GLU A 127 4.66 12.17 -5.55
C GLU A 127 5.47 11.50 -4.46
N GLN A 128 6.78 11.43 -4.67
CA GLN A 128 7.65 10.84 -3.67
C GLN A 128 7.39 11.47 -2.29
N GLU A 129 7.24 12.79 -2.23
N GLU A 129 7.22 12.79 -2.23
CA GLU A 129 7.01 13.46 -0.96
CA GLU A 129 7.02 13.45 -0.95
C GLU A 129 5.75 12.95 -0.29
C GLU A 129 5.72 13.01 -0.28
N ASP A 130 4.74 12.58 -1.06
CA ASP A 130 3.46 12.15 -0.50
C ASP A 130 3.49 10.75 0.06
N LEU A 131 4.51 9.96 -0.23
CA LEU A 131 4.48 8.51 -0.03
C LEU A 131 5.51 8.07 1.00
N VAL A 132 5.11 7.10 1.82
CA VAL A 132 6.02 6.24 2.55
C VAL A 132 5.78 4.84 2.00
N GLU A 133 6.66 4.39 1.11
CA GLU A 133 6.59 3.03 0.60
C GLU A 133 7.27 2.14 1.64
N ALA A 134 6.46 1.72 2.60
CA ALA A 134 7.00 1.08 3.81
C ALA A 134 7.73 -0.22 3.50
N HIS A 135 7.30 -0.94 2.48
CA HIS A 135 7.92 -2.21 2.10
C HIS A 135 8.66 -2.08 0.78
N GLY A 136 9.03 -0.86 0.40
CA GLY A 136 9.82 -0.65 -0.78
C GLY A 136 8.97 -0.63 -2.04
N THR A 137 9.63 -0.90 -3.17
CA THR A 137 8.97 -0.73 -4.45
C THR A 137 9.70 -1.53 -5.52
N PHE A 138 8.96 -1.94 -6.54
CA PHE A 138 9.53 -2.49 -7.76
C PHE A 138 10.04 -1.42 -8.71
N TYR A 139 9.74 -0.13 -8.48
CA TYR A 139 10.02 0.85 -9.51
C TYR A 139 11.51 0.95 -9.80
N THR A 140 12.34 0.84 -8.76
CA THR A 140 13.79 0.86 -8.90
C THR A 140 14.36 -0.43 -8.31
N SER A 141 15.54 -0.79 -8.80
CA SER A 141 16.25 -1.98 -8.33
C SER A 141 17.73 -1.61 -8.16
N HIS A 142 18.42 -2.38 -7.32
CA HIS A 142 19.85 -2.13 -7.10
C HIS A 142 20.66 -3.42 -7.07
N CYS A 143 21.85 -3.33 -7.64
CA CYS A 143 22.88 -4.34 -7.39
C CYS A 143 23.05 -4.52 -5.88
N VAL A 144 23.18 -5.77 -5.43
CA VAL A 144 23.26 -6.03 -4.00
C VAL A 144 24.65 -5.89 -3.42
N SER A 145 25.69 -5.76 -4.25
CA SER A 145 27.03 -5.65 -3.72
C SER A 145 27.24 -4.28 -3.05
N ALA A 146 27.71 -4.30 -1.81
CA ALA A 146 27.77 -3.09 -0.99
C ALA A 146 28.67 -2.03 -1.62
N SER A 147 29.72 -2.43 -2.32
CA SER A 147 30.67 -1.49 -2.91
CA SER A 147 30.68 -1.51 -2.91
C SER A 147 30.25 -1.03 -4.30
N CYS A 148 29.09 -1.46 -4.79
CA CYS A 148 28.62 -1.06 -6.11
C CYS A 148 27.25 -0.38 -6.05
N ARG A 149 26.18 -1.12 -5.76
CA ARG A 149 24.86 -0.54 -5.55
C ARG A 149 24.33 0.19 -6.80
N HIS A 150 24.77 -0.21 -7.99
CA HIS A 150 24.25 0.38 -9.22
C HIS A 150 22.73 0.27 -9.29
N GLU A 151 22.07 1.34 -9.72
CA GLU A 151 20.61 1.38 -9.82
C GLU A 151 20.14 1.06 -11.23
N TYR A 152 18.99 0.38 -11.33
CA TYR A 152 18.42 -0.03 -12.61
C TYR A 152 16.92 0.24 -12.60
N PRO A 153 16.38 0.71 -13.72
CA PRO A 153 14.96 1.05 -13.78
C PRO A 153 14.09 -0.18 -13.99
N LEU A 154 12.78 0.01 -13.78
CA LEU A 154 11.83 -1.08 -13.97
C LEU A 154 11.90 -1.65 -15.39
N SER A 155 12.13 -0.79 -16.39
CA SER A 155 12.19 -1.30 -17.76
C SER A 155 13.31 -2.30 -17.92
N TRP A 156 14.43 -2.09 -17.22
CA TRP A 156 15.53 -3.02 -17.24
C TRP A 156 15.18 -4.30 -16.49
N MET A 157 14.56 -4.16 -15.32
CA MET A 157 14.26 -5.32 -14.50
C MET A 157 13.17 -6.15 -15.16
N LYS A 158 12.18 -5.49 -15.78
CA LYS A 158 11.14 -6.23 -16.49
C LYS A 158 11.72 -7.11 -17.58
N GLU A 159 12.62 -6.56 -18.41
CA GLU A 159 13.21 -7.37 -19.47
C GLU A 159 13.91 -8.60 -18.89
N LYS A 160 14.62 -8.43 -17.78
CA LYS A 160 15.30 -9.57 -17.19
C LYS A 160 14.31 -10.61 -16.67
N ILE A 161 13.22 -10.14 -16.06
CA ILE A 161 12.22 -11.06 -15.51
C ILE A 161 11.57 -11.85 -16.64
N PHE A 162 11.19 -11.18 -17.73
CA PHE A 162 10.50 -11.89 -18.81
C PHE A 162 11.44 -12.77 -19.61
N SER A 163 12.70 -12.37 -19.78
CA SER A 163 13.64 -13.26 -20.45
C SER A 163 14.04 -14.44 -19.58
N GLU A 164 13.56 -14.50 -18.32
CA GLU A 164 13.91 -15.58 -17.41
C GLU A 164 15.41 -15.68 -17.19
N VAL A 165 16.08 -14.54 -17.19
CA VAL A 165 17.50 -14.44 -16.88
C VAL A 165 17.61 -13.79 -15.51
N THR A 166 18.28 -14.46 -14.57
CA THR A 166 18.44 -13.87 -13.25
C THR A 166 19.20 -12.55 -13.38
N PRO A 167 18.65 -11.44 -12.90
CA PRO A 167 19.26 -10.13 -13.20
C PRO A 167 20.62 -9.97 -12.53
N LYS A 168 21.63 -9.69 -13.34
CA LYS A 168 22.98 -9.48 -12.88
C LYS A 168 23.44 -8.07 -13.22
N CYS A 169 24.21 -7.47 -12.31
CA CYS A 169 24.71 -6.12 -12.51
C CYS A 169 25.70 -6.08 -13.67
N GLU A 170 25.54 -5.06 -14.52
CA GLU A 170 26.43 -4.90 -15.66
C GLU A 170 27.80 -4.39 -15.25
N ASP A 171 27.92 -3.76 -14.09
CA ASP A 171 29.23 -3.30 -13.64
C ASP A 171 30.02 -4.37 -12.89
N CYS A 172 29.37 -5.19 -12.06
CA CYS A 172 30.12 -6.12 -11.21
C CYS A 172 29.62 -7.56 -11.24
N GLN A 173 28.49 -7.83 -11.93
CA GLN A 173 27.92 -9.18 -12.10
C GLN A 173 27.33 -9.76 -10.83
N SER A 174 27.11 -8.93 -9.81
CA SER A 174 26.34 -9.35 -8.64
C SER A 174 24.85 -9.39 -8.97
N LEU A 175 24.08 -9.98 -8.07
CA LEU A 175 22.63 -9.97 -8.23
C LEU A 175 22.08 -8.54 -8.19
N VAL A 176 21.06 -8.27 -9.01
CA VAL A 176 20.30 -7.03 -8.91
C VAL A 176 18.91 -7.35 -8.38
N LYS A 177 18.53 -6.67 -7.32
CA LYS A 177 17.33 -6.96 -6.55
C LYS A 177 16.36 -5.79 -6.65
N PRO A 178 15.07 -6.02 -6.94
CA PRO A 178 14.08 -4.93 -6.82
C PRO A 178 14.15 -4.33 -5.43
N ASP A 179 13.87 -3.03 -5.34
CA ASP A 179 13.99 -2.29 -4.09
C ASP A 179 12.87 -2.58 -3.10
N ILE A 180 12.49 -3.83 -2.95
CA ILE A 180 11.46 -4.21 -2.00
C ILE A 180 12.09 -4.67 -0.69
N VAL A 181 11.32 -4.54 0.38
CA VAL A 181 11.69 -5.01 1.70
C VAL A 181 11.13 -6.43 1.84
N PHE A 182 12.00 -7.43 1.80
CA PHE A 182 11.56 -8.78 2.06
C PHE A 182 11.28 -8.95 3.56
N PHE A 183 10.46 -9.95 3.88
CA PHE A 183 10.32 -10.33 5.28
C PHE A 183 11.70 -10.62 5.86
N GLY A 184 11.99 -10.01 7.02
CA GLY A 184 13.28 -10.19 7.68
C GLY A 184 14.27 -9.09 7.40
N GLU A 185 13.95 -8.14 6.52
CA GLU A 185 14.76 -6.98 6.23
C GLU A 185 14.26 -5.78 7.00
N SER A 186 15.17 -4.85 7.28
CA SER A 186 14.80 -3.63 7.98
CA SER A 186 14.81 -3.62 7.97
C SER A 186 14.00 -2.71 7.07
N LEU A 187 13.00 -2.05 7.65
CA LEU A 187 12.25 -1.08 6.88
C LEU A 187 13.13 0.16 6.63
N PRO A 188 12.78 0.98 5.64
CA PRO A 188 13.59 2.17 5.36
C PRO A 188 13.50 3.21 6.47
N ALA A 189 14.61 3.95 6.64
CA ALA A 189 14.65 4.99 7.66
C ALA A 189 13.49 5.98 7.48
N ARG A 190 13.10 6.25 6.23
CA ARG A 190 12.02 7.19 5.98
C ARG A 190 10.75 6.79 6.71
N PHE A 191 10.49 5.49 6.81
CA PHE A 191 9.28 5.01 7.51
C PHE A 191 9.26 5.49 8.94
N PHE A 192 10.38 5.31 9.65
CA PHE A 192 10.41 5.68 11.06
C PHE A 192 10.44 7.20 11.24
N SER A 193 11.17 7.91 10.38
CA SER A 193 11.22 9.36 10.53
CA SER A 193 11.24 9.37 10.48
C SER A 193 9.88 10.00 10.22
N CYS A 194 9.20 9.56 9.16
CA CYS A 194 7.86 10.08 8.90
C CYS A 194 6.91 9.71 10.02
N MET A 195 6.99 8.46 10.51
CA MET A 195 6.06 8.04 11.56
C MET A 195 6.20 8.88 12.82
N GLN A 196 7.39 9.41 13.09
CA GLN A 196 7.67 10.18 14.30
C GLN A 196 7.27 11.64 14.20
N SER A 197 6.84 12.10 13.03
CA SER A 197 6.36 13.46 12.81
C SER A 197 4.91 13.53 12.35
N ASP A 198 4.50 12.64 11.44
CA ASP A 198 3.22 12.78 10.76
C ASP A 198 2.04 12.64 11.71
N PHE A 199 2.19 11.87 12.78
CA PHE A 199 1.03 11.59 13.62
C PHE A 199 0.85 12.61 14.74
N LEU A 200 1.65 13.69 14.75
CA LEU A 200 1.51 14.73 15.77
C LEU A 200 0.19 15.50 15.64
N LYS A 201 -0.29 15.79 14.42
CA LYS A 201 -1.55 16.54 14.33
C LYS A 201 -2.38 16.08 13.15
N VAL A 202 -2.42 14.79 12.96
CA VAL A 202 -3.25 14.19 11.92
C VAL A 202 -4.71 14.24 12.36
N ASP A 203 -5.61 14.54 11.42
CA ASP A 203 -7.02 14.71 11.72
C ASP A 203 -7.87 13.51 11.34
N LEU A 204 -7.38 12.64 10.46
CA LEU A 204 -8.15 11.49 10.01
C LEU A 204 -7.18 10.43 9.55
N LEU A 205 -7.39 9.19 9.97
CA LEU A 205 -6.73 8.04 9.37
C LEU A 205 -7.72 7.34 8.46
N LEU A 206 -7.32 7.10 7.22
CA LEU A 206 -8.10 6.35 6.26
CA LEU A 206 -8.09 6.34 6.25
C LEU A 206 -7.31 5.06 6.01
N VAL A 207 -7.83 3.94 6.50
CA VAL A 207 -7.16 2.65 6.40
C VAL A 207 -7.89 1.82 5.35
N MET A 208 -7.19 1.36 4.32
CA MET A 208 -7.87 0.71 3.19
C MET A 208 -7.12 -0.52 2.69
N GLY A 209 -7.84 -1.62 2.55
CA GLY A 209 -7.28 -2.79 1.87
C GLY A 209 -6.10 -3.43 2.57
N THR A 210 -6.15 -3.52 3.90
CA THR A 210 -5.10 -4.25 4.60
C THR A 210 -5.64 -5.02 5.78
N SER A 211 -5.02 -6.17 6.05
CA SER A 211 -5.39 -6.99 7.19
C SER A 211 -4.69 -6.57 8.47
N LEU A 212 -3.76 -5.62 8.40
CA LEU A 212 -3.03 -5.13 9.56
C LEU A 212 -2.37 -6.27 10.34
N GLN A 213 -1.71 -7.18 9.61
CA GLN A 213 -1.01 -8.29 10.26
C GLN A 213 0.50 -8.21 10.16
N VAL A 214 1.05 -7.36 9.30
CA VAL A 214 2.49 -7.27 9.14
C VAL A 214 2.99 -6.08 9.94
N GLN A 215 4.03 -6.30 10.73
CA GLN A 215 4.63 -5.33 11.61
C GLN A 215 5.96 -4.86 11.06
N PRO A 216 6.40 -3.64 11.40
CA PRO A 216 5.70 -2.69 12.28
C PRO A 216 4.66 -1.84 11.56
N PHE A 217 4.35 -2.07 10.28
CA PHE A 217 3.34 -1.25 9.62
C PHE A 217 2.03 -1.22 10.39
N ALA A 218 1.56 -2.37 10.90
CA ALA A 218 0.24 -2.40 11.53
C ALA A 218 0.19 -1.50 12.75
N SER A 219 1.33 -1.27 13.40
CA SER A 219 1.35 -0.42 14.58
C SER A 219 1.02 1.04 14.26
N LEU A 220 1.02 1.43 12.98
CA LEU A 220 0.72 2.81 12.64
C LEU A 220 -0.66 3.25 13.12
N ILE A 221 -1.65 2.34 13.15
CA ILE A 221 -2.97 2.84 13.55
C ILE A 221 -2.97 3.36 14.98
N SER A 222 -2.01 2.94 15.80
CA SER A 222 -1.96 3.33 17.21
C SER A 222 -1.19 4.63 17.45
N LYS A 223 -0.63 5.23 16.40
CA LYS A 223 0.22 6.41 16.56
C LYS A 223 -0.55 7.72 16.52
N ALA A 224 -1.77 7.74 16.02
CA ALA A 224 -2.54 8.97 16.00
C ALA A 224 -2.97 9.37 17.41
N PRO A 225 -3.27 10.66 17.63
CA PRO A 225 -3.88 11.06 18.90
C PRO A 225 -5.15 10.26 19.15
N LEU A 226 -5.50 10.11 20.42
CA LEU A 226 -6.68 9.34 20.78
C LEU A 226 -7.98 9.92 20.23
N SER A 227 -8.00 11.22 19.87
CA SER A 227 -9.21 11.82 19.33
C SER A 227 -9.37 11.66 17.80
N THR A 228 -8.32 11.24 17.10
CA THR A 228 -8.38 11.20 15.63
C THR A 228 -9.31 10.11 15.11
N PRO A 229 -10.34 10.44 14.33
CA PRO A 229 -11.16 9.39 13.75
C PRO A 229 -10.38 8.49 12.82
N ARG A 230 -10.79 7.23 12.77
CA ARG A 230 -10.16 6.21 11.94
C ARG A 230 -11.25 5.49 11.18
N LEU A 231 -11.20 5.58 9.85
CA LEU A 231 -12.15 4.94 8.95
C LEU A 231 -11.45 3.79 8.25
N LEU A 232 -12.01 2.59 8.37
CA LEU A 232 -11.52 1.39 7.69
C LEU A 232 -12.43 1.11 6.51
N ILE A 233 -11.87 1.05 5.31
CA ILE A 233 -12.62 0.61 4.12
C ILE A 233 -11.95 -0.67 3.67
N ASN A 234 -12.66 -1.79 3.83
CA ASN A 234 -12.02 -3.09 3.69
C ASN A 234 -13.09 -4.16 3.56
N LYS A 235 -12.73 -5.27 2.88
CA LYS A 235 -13.69 -6.35 2.74
C LYS A 235 -14.07 -6.96 4.08
N GLU A 236 -13.16 -6.96 5.05
CA GLU A 236 -13.37 -7.56 6.36
C GLU A 236 -12.96 -6.59 7.47
N LYS A 237 -13.57 -6.75 8.62
CA LYS A 237 -13.14 -5.99 9.78
C LYS A 237 -11.71 -6.39 10.13
N ALA A 238 -10.84 -5.41 10.27
CA ALA A 238 -9.43 -5.64 10.58
C ALA A 238 -9.00 -4.66 11.66
N GLY A 239 -7.89 -4.99 12.33
CA GLY A 239 -7.31 -4.11 13.31
C GLY A 239 -7.89 -4.20 14.70
N GLN A 240 -8.85 -5.09 14.93
CA GLN A 240 -9.41 -5.31 16.26
C GLN A 240 -8.43 -6.11 17.11
N SER A 241 -8.46 -5.86 18.42
CA SER A 241 -7.61 -6.62 19.31
C SER A 241 -8.00 -8.09 19.27
N ASP A 242 -7.00 -8.95 19.28
CA ASP A 242 -7.24 -10.40 19.22
C ASP A 242 -7.79 -10.88 20.56
N PRO A 243 -8.86 -11.68 20.58
CA PRO A 243 -9.41 -12.14 21.86
C PRO A 243 -8.51 -13.10 22.61
N PHE A 244 -7.48 -13.64 21.97
CA PHE A 244 -6.54 -14.53 22.63
C PHE A 244 -5.24 -13.79 22.95
N GLY A 254 -6.03 -0.94 19.53
CA GLY A 254 -6.60 -1.43 18.29
C GLY A 254 -7.89 -0.72 17.93
N MET A 255 -8.46 -1.10 16.79
CA MET A 255 -9.73 -0.51 16.38
C MET A 255 -10.85 -1.00 17.29
N ASP A 256 -11.72 -0.06 17.69
CA ASP A 256 -12.90 -0.36 18.49
C ASP A 256 -14.11 0.19 17.74
N PHE A 257 -14.72 -0.67 16.92
CA PHE A 257 -15.89 -0.32 16.13
C PHE A 257 -17.19 -0.49 16.89
N ASP A 258 -17.26 -1.46 17.81
CA ASP A 258 -18.52 -2.05 18.22
C ASP A 258 -18.79 -2.05 19.72
N SER A 259 -17.84 -1.64 20.56
CA SER A 259 -18.09 -1.69 22.00
C SER A 259 -18.91 -0.49 22.47
N LYS A 260 -19.36 -0.57 23.74
CA LYS A 260 -20.06 0.56 24.33
C LYS A 260 -19.15 1.79 24.48
N LYS A 261 -17.85 1.59 24.45
CA LYS A 261 -16.89 2.69 24.51
C LYS A 261 -16.53 3.24 23.14
N ALA A 262 -17.04 2.65 22.07
CA ALA A 262 -16.61 3.08 20.74
C ALA A 262 -16.99 4.54 20.50
N TYR A 263 -16.06 5.29 19.93
CA TYR A 263 -16.29 6.73 19.81
C TYR A 263 -15.67 7.34 18.56
N ARG A 264 -14.82 6.62 17.82
CA ARG A 264 -14.08 7.28 16.73
C ARG A 264 -13.72 6.39 15.55
N ASP A 265 -13.98 5.09 15.63
CA ASP A 265 -13.61 4.15 14.59
C ASP A 265 -14.84 3.67 13.83
N VAL A 266 -14.73 3.65 12.50
CA VAL A 266 -15.83 3.32 11.59
C VAL A 266 -15.34 2.27 10.61
N ALA A 267 -16.11 1.20 10.43
CA ALA A 267 -15.78 0.16 9.46
C ALA A 267 -16.82 0.18 8.34
N TRP A 268 -16.36 0.40 7.12
CA TRP A 268 -17.18 0.28 5.92
C TRP A 268 -16.71 -1.00 5.23
N LEU A 269 -17.54 -2.03 5.25
CA LEU A 269 -17.17 -3.37 4.80
C LEU A 269 -17.63 -3.58 3.36
N GLY A 270 -16.68 -3.68 2.46
CA GLY A 270 -16.97 -3.90 1.06
C GLY A 270 -15.71 -3.68 0.24
N GLU A 271 -15.90 -3.54 -1.07
CA GLU A 271 -14.76 -3.29 -1.96
C GLU A 271 -14.23 -1.85 -1.79
N CYS A 272 -12.90 -1.72 -1.77
CA CYS A 272 -12.31 -0.40 -1.60
C CYS A 272 -12.79 0.58 -2.68
N ASP A 273 -12.95 0.12 -3.91
CA ASP A 273 -13.39 1.04 -4.97
C ASP A 273 -14.80 1.53 -4.68
N GLN A 274 -15.66 0.64 -4.23
CA GLN A 274 -17.04 1.02 -3.94
CA GLN A 274 -17.04 1.04 -3.96
C GLN A 274 -17.11 1.93 -2.72
N GLY A 275 -16.29 1.65 -1.71
CA GLY A 275 -16.29 2.50 -0.52
C GLY A 275 -15.80 3.90 -0.83
N CYS A 276 -14.72 4.00 -1.59
CA CYS A 276 -14.21 5.32 -1.98
C CYS A 276 -15.22 6.05 -2.86
N LEU A 277 -15.92 5.33 -3.75
CA LEU A 277 -16.97 5.96 -4.53
CA LEU A 277 -16.98 5.96 -4.54
C LEU A 277 -18.07 6.51 -3.63
N ALA A 278 -18.49 5.72 -2.64
CA ALA A 278 -19.54 6.17 -1.73
C ALA A 278 -19.10 7.39 -0.95
N LEU A 279 -17.87 7.39 -0.45
CA LEU A 279 -17.37 8.54 0.27
C LEU A 279 -17.28 9.75 -0.64
N ALA A 280 -16.72 9.56 -1.84
CA ALA A 280 -16.65 10.67 -2.79
C ALA A 280 -18.01 11.28 -3.04
N GLU A 281 -19.04 10.45 -3.19
CA GLU A 281 -20.38 10.97 -3.47
C GLU A 281 -20.87 11.84 -2.32
N LEU A 282 -20.67 11.41 -1.08
CA LEU A 282 -21.09 12.23 0.05
C LEU A 282 -20.35 13.57 0.07
N LEU A 283 -19.09 13.58 -0.35
CA LEU A 283 -18.27 14.78 -0.37
C LEU A 283 -18.55 15.69 -1.57
N GLY A 284 -19.40 15.28 -2.52
CA GLY A 284 -19.60 16.06 -3.73
C GLY A 284 -18.51 15.88 -4.77
N TRP A 285 -17.70 14.82 -4.64
CA TRP A 285 -16.60 14.56 -5.53
C TRP A 285 -16.88 13.44 -6.53
N LYS A 286 -18.11 12.92 -6.59
CA LYS A 286 -18.32 11.72 -7.40
C LYS A 286 -18.01 11.98 -8.87
N LYS A 287 -18.50 13.09 -9.43
CA LYS A 287 -18.22 13.38 -10.83
C LYS A 287 -16.73 13.62 -11.06
N GLU A 288 -16.09 14.34 -10.13
CA GLU A 288 -14.65 14.58 -10.23
C GLU A 288 -13.88 13.27 -10.27
N LEU A 289 -14.29 12.33 -9.41
CA LEU A 289 -13.59 11.04 -9.34
C LEU A 289 -13.83 10.21 -10.59
N GLU A 290 -15.09 10.12 -11.04
CA GLU A 290 -15.39 9.39 -12.25
C GLU A 290 -14.63 9.98 -13.44
N ASP A 291 -14.64 11.30 -13.56
CA ASP A 291 -13.97 11.93 -14.70
C ASP A 291 -12.46 11.66 -14.68
N LEU A 292 -11.87 11.75 -13.49
CA LEU A 292 -10.43 11.51 -13.34
C LEU A 292 -10.07 10.07 -13.70
N VAL A 293 -10.82 9.12 -13.17
CA VAL A 293 -10.48 7.72 -13.45
C VAL A 293 -10.65 7.44 -14.94
N ARG A 294 -11.75 7.89 -15.55
CA ARG A 294 -11.93 7.56 -16.95
C ARG A 294 -10.85 8.20 -17.82
N ARG A 295 -10.46 9.45 -17.51
CA ARG A 295 -9.44 10.15 -18.28
C ARG A 295 -8.07 9.50 -18.12
N GLU A 296 -7.71 9.12 -16.88
CA GLU A 296 -6.43 8.48 -16.63
C GLU A 296 -6.37 7.10 -17.26
N HIS A 297 -7.43 6.30 -17.14
CA HIS A 297 -7.41 4.99 -17.79
C HIS A 297 -7.35 5.12 -19.31
N ALA A 298 -8.07 6.09 -19.89
CA ALA A 298 -8.03 6.27 -21.33
C ALA A 298 -6.63 6.70 -21.77
N SER A 299 -5.97 7.52 -20.97
CA SER A 299 -4.61 7.93 -21.32
CA SER A 299 -4.60 7.94 -21.31
C SER A 299 -3.65 6.76 -21.25
N ILE A 300 -3.78 5.92 -20.23
CA ILE A 300 -2.91 4.75 -20.13
C ILE A 300 -3.14 3.83 -21.31
N ASP A 301 -4.40 3.65 -21.73
CA ASP A 301 -4.69 2.86 -22.93
C ASP A 301 -4.05 3.48 -24.17
N ALA A 302 -4.11 4.81 -24.29
CA ALA A 302 -3.61 5.46 -25.50
C ALA A 302 -2.10 5.42 -25.60
N GLN A 303 -1.40 5.43 -24.48
CA GLN A 303 0.07 5.46 -24.51
C GLN A 303 0.66 4.09 -24.79
N SER A 304 -0.15 3.04 -24.71
CA SER A 304 0.27 1.67 -24.91
C SER A 304 0.51 1.43 -26.38
N ALA B 2 20.59 -1.86 13.48
CA ALA B 2 19.65 -2.01 12.36
C ALA B 2 18.25 -1.58 12.77
N LEU B 3 17.50 -1.05 11.80
CA LEU B 3 16.12 -0.63 12.03
C LEU B 3 15.20 -1.84 12.15
N PRO B 4 14.05 -1.68 12.79
CA PRO B 4 13.13 -2.82 12.98
C PRO B 4 12.83 -3.53 11.67
N LYS B 5 12.71 -4.85 11.74
CA LYS B 5 12.49 -5.67 10.57
C LYS B 5 11.02 -5.98 10.31
N LYS B 6 10.72 -6.16 9.03
CA LYS B 6 9.38 -6.61 8.55
C LYS B 6 9.08 -8.03 9.07
N GLY B 8 5.64 -10.95 9.80
CA GLY B 8 4.21 -11.20 9.64
C GLY B 8 3.47 -11.37 10.95
#